data_4JGG
#
_entry.id   4JGG
#
_cell.length_a   81.965
_cell.length_b   103.080
_cell.length_c   45.888
_cell.angle_alpha   90.00
_cell.angle_beta   97.57
_cell.angle_gamma   90.00
#
_symmetry.space_group_name_H-M   'C 1 2 1'
#
loop_
_entity.id
_entity.type
_entity.pdbx_description
1 polymer 'Esterase TesA'
2 water water
#
_entity_poly.entity_id   1
_entity_poly.type   'polypeptide(L)'
_entity_poly.pdbx_seq_one_letter_code
;MRALLLSGCLALVLLTQQAAAQTLLVVGDSISAALGLDTSQGWVALLQKRLADEGYDYRVVNASISGDTSAGGLARLPAL
LAEEKPALVVIELGGNDGLRGMAPAQLQQNLASMAQKARAEGAKVLLLGIQLPPNYGPRYIEAFSRVYGAVAAQEKTALV
PFFLEGVGGVQGMMQADGIHPALAAQPRLLENVWPTLKPLLHHHHHH
;
_entity_poly.pdbx_strand_id   A,B
#
# COMPACT_ATOMS: atom_id res chain seq x y z
N GLN A 22 1.83 11.73 21.01
CA GLN A 22 1.66 11.63 19.58
C GLN A 22 2.97 11.19 18.89
N THR A 23 3.68 10.29 19.55
CA THR A 23 4.94 9.81 18.99
C THR A 23 4.80 8.43 18.38
N LEU A 24 5.46 8.27 17.23
CA LEU A 24 5.56 7.01 16.52
C LEU A 24 6.99 6.47 16.67
N LEU A 25 7.13 5.45 17.51
CA LEU A 25 8.45 4.93 17.81
C LEU A 25 8.74 3.76 16.88
N VAL A 26 9.82 3.85 16.11
CA VAL A 26 10.31 2.73 15.32
C VAL A 26 11.47 2.05 16.02
N VAL A 27 11.29 0.76 16.32
CA VAL A 27 12.34 -0.03 16.96
C VAL A 27 12.80 -1.13 16.01
N GLY A 28 13.88 -0.87 15.26
CA GLY A 28 14.32 -1.78 14.23
C GLY A 28 15.81 -2.10 14.27
N ASP A 29 16.28 -2.73 13.19
CA ASP A 29 17.70 -3.04 13.05
C ASP A 29 18.26 -2.26 11.86
N SER A 30 19.29 -2.81 11.22
CA SER A 30 19.91 -2.22 10.04
C SER A 30 18.93 -1.76 8.95
N ILE A 31 17.83 -2.48 8.78
CA ILE A 31 16.93 -2.16 7.66
C ILE A 31 16.29 -0.79 7.89
N SER A 32 15.86 -0.55 9.12
CA SER A 32 15.18 0.72 9.43
C SER A 32 16.17 1.81 9.84
N ALA A 33 17.39 1.41 10.20
CA ALA A 33 18.47 2.36 10.46
C ALA A 33 19.13 2.86 9.18
N ALA A 34 18.76 2.27 8.04
CA ALA A 34 19.23 2.73 6.74
C ALA A 34 20.70 2.43 6.51
N LEU A 35 21.12 1.23 6.91
CA LEU A 35 22.51 0.85 6.78
C LEU A 35 22.92 0.92 5.31
N GLY A 36 23.98 1.67 5.06
CA GLY A 36 24.58 1.73 3.73
C GLY A 36 24.03 2.82 2.85
N LEU A 37 23.33 3.78 3.45
CA LEU A 37 22.76 4.88 2.68
C LEU A 37 22.51 6.11 3.53
N ASP A 38 22.13 7.20 2.86
CA ASP A 38 21.78 8.45 3.51
C ASP A 38 20.51 8.22 4.30
N THR A 39 20.61 8.31 5.62
CA THR A 39 19.47 8.05 6.48
C THR A 39 18.29 8.97 6.17
N SER A 40 18.59 10.20 5.72
CA SER A 40 17.53 11.16 5.37
C SER A 40 16.70 10.66 4.18
N GLN A 41 17.21 9.67 3.47
CA GLN A 41 16.51 9.06 2.34
C GLN A 41 15.96 7.69 2.71
N GLY A 42 16.19 7.29 3.95
CA GLY A 42 15.69 6.01 4.44
C GLY A 42 14.20 6.01 4.63
N TRP A 43 13.63 4.80 4.67
CA TRP A 43 12.19 4.66 4.70
C TRP A 43 11.51 5.38 5.87
N VAL A 44 12.14 5.38 7.04
CA VAL A 44 11.53 6.05 8.20
C VAL A 44 11.48 7.56 7.99
N ALA A 45 12.56 8.11 7.45
CA ALA A 45 12.62 9.50 7.04
C ALA A 45 11.53 9.83 6.04
N LEU A 46 11.26 8.90 5.13
CA LEU A 46 10.22 9.13 4.14
C LEU A 46 8.84 9.04 4.80
N LEU A 47 8.74 8.22 5.84
CA LEU A 47 7.51 8.10 6.61
C LEU A 47 7.18 9.46 7.22
N GLN A 48 8.18 10.07 7.83
CA GLN A 48 7.96 11.34 8.52
C GLN A 48 7.52 12.42 7.54
N LYS A 49 8.10 12.40 6.35
CA LYS A 49 7.78 13.38 5.34
C LYS A 49 6.37 13.16 4.78
N ARG A 50 5.94 11.91 4.70
CA ARG A 50 4.58 11.62 4.23
C ARG A 50 3.55 11.98 5.28
N LEU A 51 3.92 11.84 6.56
CA LEU A 51 3.00 12.21 7.62
C LEU A 51 2.81 13.72 7.57
N ALA A 52 3.92 14.44 7.39
CA ALA A 52 3.87 15.89 7.29
C ALA A 52 3.03 16.31 6.09
N ASP A 53 3.29 15.72 4.94
CA ASP A 53 2.60 16.11 3.72
C ASP A 53 1.10 15.87 3.76
N GLU A 54 0.70 14.73 4.30
CA GLU A 54 -0.73 14.41 4.29
C GLU A 54 -1.44 14.97 5.52
N GLY A 55 -0.76 15.89 6.21
CA GLY A 55 -1.36 16.61 7.31
C GLY A 55 -1.63 15.76 8.53
N TYR A 56 -0.76 14.79 8.79
CA TYR A 56 -0.81 14.03 10.03
C TYR A 56 0.13 14.69 11.03
N ASP A 57 -0.19 14.60 12.31
CA ASP A 57 0.61 15.25 13.33
C ASP A 57 1.27 14.21 14.20
N TYR A 58 2.39 13.68 13.72
CA TYR A 58 3.15 12.68 14.45
C TYR A 58 4.62 13.04 14.51
N ARG A 59 5.23 12.79 15.67
CA ARG A 59 6.67 12.83 15.80
C ARG A 59 7.23 11.42 15.58
N VAL A 60 8.08 11.28 14.57
CA VAL A 60 8.71 9.99 14.29
C VAL A 60 10.04 9.90 15.02
N VAL A 61 10.14 8.93 15.93
CA VAL A 61 11.38 8.70 16.65
C VAL A 61 11.93 7.36 16.18
N ASN A 62 13.02 7.41 15.42
CA ASN A 62 13.67 6.19 14.93
C ASN A 62 14.66 5.72 15.97
N ALA A 63 14.43 4.52 16.51
CA ALA A 63 15.35 3.96 17.49
C ALA A 63 15.98 2.69 16.94
N SER A 64 16.25 2.65 15.64
CA SER A 64 16.78 1.44 15.01
C SER A 64 18.30 1.36 15.07
N ILE A 65 18.82 0.17 15.38
CA ILE A 65 20.25 -0.02 15.54
C ILE A 65 20.72 -1.29 14.82
N SER A 66 21.70 -1.15 13.94
CA SER A 66 22.30 -2.31 13.29
C SER A 66 22.76 -3.33 14.33
N GLY A 67 22.52 -4.61 14.07
CA GLY A 67 22.99 -5.67 14.94
C GLY A 67 21.96 -6.12 15.94
N ASP A 68 20.84 -5.42 16.01
CA ASP A 68 19.86 -5.70 17.06
C ASP A 68 19.07 -6.98 16.81
N THR A 69 18.61 -7.61 17.88
CA THR A 69 17.91 -8.88 17.82
C THR A 69 16.62 -8.74 18.61
N SER A 70 15.76 -9.76 18.57
CA SER A 70 14.53 -9.70 19.37
C SER A 70 14.85 -9.56 20.86
N ALA A 71 15.90 -10.24 21.32
CA ALA A 71 16.27 -10.12 22.74
C ALA A 71 16.78 -8.72 23.05
N GLY A 72 17.56 -8.15 22.14
CA GLY A 72 18.10 -6.81 22.33
C GLY A 72 17.02 -5.73 22.34
N GLY A 73 16.07 -5.84 21.43
CA GLY A 73 14.96 -4.90 21.38
C GLY A 73 14.10 -4.97 22.63
N LEU A 74 13.87 -6.19 23.12
CA LEU A 74 13.11 -6.40 24.33
C LEU A 74 13.82 -5.75 25.52
N ALA A 75 15.12 -5.99 25.64
CA ALA A 75 15.92 -5.40 26.71
C ALA A 75 15.86 -3.87 26.73
N ARG A 76 15.86 -3.24 25.55
CA ARG A 76 15.98 -1.77 25.45
C ARG A 76 14.64 -1.03 25.27
N LEU A 77 13.56 -1.77 25.07
CA LEU A 77 12.24 -1.15 24.87
C LEU A 77 11.68 -0.40 26.11
N PRO A 78 11.79 -0.99 27.31
CA PRO A 78 11.20 -0.30 28.48
C PRO A 78 11.69 1.15 28.65
N ALA A 79 12.99 1.37 28.45
CA ALA A 79 13.55 2.70 28.56
C ALA A 79 12.97 3.65 27.50
N LEU A 80 12.79 3.12 26.29
CA LEU A 80 12.20 3.84 25.16
C LEU A 80 10.75 4.18 25.42
N LEU A 81 9.98 3.23 25.94
CA LEU A 81 8.58 3.48 26.28
C LEU A 81 8.51 4.56 27.35
N ALA A 82 9.34 4.45 28.37
CA ALA A 82 9.30 5.43 29.46
C ALA A 82 9.67 6.83 28.95
N GLU A 83 10.70 6.89 28.12
CA GLU A 83 11.20 8.18 27.66
C GLU A 83 10.25 8.87 26.68
N GLU A 84 9.77 8.12 25.69
CA GLU A 84 8.96 8.69 24.60
C GLU A 84 7.45 8.57 24.77
N LYS A 85 7.00 7.62 25.58
CA LYS A 85 5.57 7.36 25.78
C LYS A 85 4.83 7.34 24.45
N PRO A 86 5.22 6.41 23.56
CA PRO A 86 4.71 6.45 22.18
C PRO A 86 3.23 6.04 22.09
N ALA A 87 2.56 6.59 21.08
CA ALA A 87 1.20 6.21 20.77
C ALA A 87 1.20 5.03 19.79
N LEU A 88 2.30 4.89 19.06
CA LEU A 88 2.47 3.82 18.09
C LEU A 88 3.87 3.27 18.20
N VAL A 89 3.99 1.94 18.25
CA VAL A 89 5.32 1.35 18.22
C VAL A 89 5.40 0.40 17.02
N VAL A 90 6.31 0.69 16.09
CA VAL A 90 6.57 -0.17 14.95
C VAL A 90 7.76 -1.05 15.29
N ILE A 91 7.55 -2.36 15.32
CA ILE A 91 8.66 -3.26 15.63
C ILE A 91 9.15 -3.98 14.39
N GLU A 92 10.43 -3.81 14.10
CA GLU A 92 11.07 -4.46 12.96
C GLU A 92 12.34 -5.21 13.40
N LEU A 93 12.13 -6.30 14.13
CA LEU A 93 13.24 -7.06 14.68
C LEU A 93 13.08 -8.54 14.38
N GLY A 94 14.17 -9.30 14.52
CA GLY A 94 14.12 -10.74 14.29
C GLY A 94 14.77 -11.17 12.99
N GLY A 95 15.05 -10.19 12.13
CA GLY A 95 15.79 -10.48 10.91
C GLY A 95 17.14 -11.04 11.26
N ASN A 96 17.74 -10.51 12.33
CA ASN A 96 19.03 -11.03 12.80
C ASN A 96 18.90 -12.37 13.48
N ASP A 97 17.82 -12.58 14.23
CA ASP A 97 17.59 -13.88 14.85
C ASP A 97 17.58 -14.98 13.78
N GLY A 98 16.97 -14.71 12.64
CA GLY A 98 16.93 -15.71 11.59
C GLY A 98 18.25 -15.85 10.85
N LEU A 99 18.87 -14.72 10.54
CA LEU A 99 20.09 -14.70 9.79
C LEU A 99 21.20 -15.40 10.57
N ARG A 100 21.06 -15.42 11.90
CA ARG A 100 22.01 -16.07 12.80
C ARG A 100 21.68 -17.52 13.11
N GLY A 101 20.51 -17.99 12.70
CA GLY A 101 20.14 -19.36 13.01
C GLY A 101 19.81 -19.52 14.49
N MET A 102 19.25 -18.47 15.08
CA MET A 102 18.82 -18.56 16.48
C MET A 102 17.50 -19.30 16.50
N ALA A 103 16.98 -19.58 17.69
CA ALA A 103 15.77 -20.38 17.81
C ALA A 103 14.52 -19.54 17.50
N PRO A 104 13.65 -20.06 16.62
CA PRO A 104 12.38 -19.42 16.28
C PRO A 104 11.47 -19.21 17.49
N ALA A 105 11.58 -20.07 18.49
CA ALA A 105 10.69 -19.99 19.64
C ALA A 105 11.02 -18.79 20.52
N GLN A 106 12.32 -18.54 20.70
CA GLN A 106 12.76 -17.39 21.50
C GLN A 106 12.40 -16.06 20.81
N LEU A 107 12.35 -16.09 19.48
CA LEU A 107 11.90 -14.92 18.71
C LEU A 107 10.46 -14.62 19.06
N GLN A 108 9.64 -15.66 19.04
CA GLN A 108 8.22 -15.53 19.32
C GLN A 108 8.01 -14.98 20.72
N GLN A 109 8.80 -15.48 21.67
CA GLN A 109 8.69 -15.05 23.05
C GLN A 109 9.08 -13.57 23.24
N ASN A 110 10.25 -13.21 22.73
CA ASN A 110 10.74 -11.84 22.81
C ASN A 110 9.83 -10.82 22.13
N LEU A 111 9.39 -11.10 20.91
CA LEU A 111 8.52 -10.18 20.17
C LEU A 111 7.18 -10.03 20.86
N ALA A 112 6.61 -11.17 21.29
CA ALA A 112 5.35 -11.18 22.03
C ALA A 112 5.43 -10.28 23.25
N SER A 113 6.49 -10.46 24.06
CA SER A 113 6.74 -9.66 25.25
C SER A 113 6.93 -8.17 24.94
N MET A 114 7.63 -7.86 23.85
CA MET A 114 7.75 -6.47 23.39
C MET A 114 6.39 -5.88 23.08
N ALA A 115 5.54 -6.64 22.39
CA ALA A 115 4.23 -6.16 21.97
C ALA A 115 3.34 -6.00 23.19
N GLN A 116 3.50 -6.90 24.15
CA GLN A 116 2.79 -6.81 25.42
C GLN A 116 3.16 -5.54 26.15
N LYS A 117 4.45 -5.25 26.23
CA LYS A 117 4.93 -4.11 27.01
C LYS A 117 4.53 -2.79 26.37
N ALA A 118 4.59 -2.73 25.04
CA ALA A 118 4.16 -1.53 24.32
C ALA A 118 2.66 -1.27 24.50
N ARG A 119 1.86 -2.31 24.32
CA ARG A 119 0.43 -2.23 24.55
C ARG A 119 0.15 -1.80 26.00
N ALA A 120 0.96 -2.31 26.93
CA ALA A 120 0.82 -1.95 28.34
C ALA A 120 1.09 -0.46 28.63
N GLU A 121 1.89 0.18 27.77
CA GLU A 121 2.20 1.60 27.91
C GLU A 121 1.10 2.49 27.30
N GLY A 122 0.26 1.89 26.46
CA GLY A 122 -0.79 2.62 25.78
C GLY A 122 -0.64 2.72 24.27
N ALA A 123 0.38 2.07 23.73
CA ALA A 123 0.65 2.19 22.29
C ALA A 123 -0.03 1.11 21.47
N LYS A 124 -0.44 1.44 20.25
CA LYS A 124 -0.80 0.43 19.25
C LYS A 124 0.48 -0.14 18.67
N VAL A 125 0.50 -1.44 18.41
CA VAL A 125 1.73 -2.09 17.91
C VAL A 125 1.56 -2.59 16.48
N LEU A 126 2.56 -2.30 15.63
CA LEU A 126 2.59 -2.81 14.27
C LEU A 126 3.88 -3.62 14.10
N LEU A 127 3.74 -4.91 13.79
CA LEU A 127 4.92 -5.75 13.55
C LEU A 127 5.28 -5.76 12.08
N LEU A 128 6.56 -5.58 11.77
CA LEU A 128 7.05 -5.76 10.42
C LEU A 128 7.71 -7.13 10.34
N GLY A 129 7.18 -7.98 9.46
CA GLY A 129 7.69 -9.33 9.29
C GLY A 129 8.65 -9.38 8.13
N ILE A 130 9.68 -10.22 8.24
CA ILE A 130 10.69 -10.28 7.19
C ILE A 130 10.92 -11.73 6.74
N GLN A 131 11.09 -11.92 5.43
CA GLN A 131 11.41 -13.23 4.89
C GLN A 131 12.86 -13.26 4.43
N LEU A 132 13.61 -14.23 4.95
CA LEU A 132 14.99 -14.39 4.56
C LEU A 132 15.06 -14.72 3.06
N PRO A 133 16.25 -14.57 2.46
CA PRO A 133 16.39 -14.80 1.02
C PRO A 133 16.10 -16.26 0.65
N PRO A 134 15.60 -16.49 -0.57
CA PRO A 134 15.19 -17.81 -1.07
C PRO A 134 16.21 -18.93 -0.83
N ASN A 135 17.50 -18.62 -0.93
CA ASN A 135 18.53 -19.65 -0.74
C ASN A 135 18.55 -20.31 0.65
N TYR A 136 17.79 -19.75 1.59
CA TYR A 136 17.66 -20.39 2.90
C TYR A 136 16.66 -21.57 2.82
N GLY A 137 15.83 -21.57 1.79
CA GLY A 137 14.88 -22.66 1.60
C GLY A 137 13.61 -22.43 2.41
N PRO A 138 12.46 -22.80 1.84
CA PRO A 138 11.14 -22.51 2.40
C PRO A 138 10.99 -22.93 3.87
N ARG A 139 11.50 -24.11 4.25
CA ARG A 139 11.30 -24.57 5.61
C ARG A 139 11.98 -23.64 6.63
N TYR A 140 13.18 -23.18 6.32
CA TYR A 140 13.92 -22.30 7.23
C TYR A 140 13.24 -20.95 7.23
N ILE A 141 13.08 -20.40 6.04
CA ILE A 141 12.38 -19.14 5.84
C ILE A 141 11.08 -19.11 6.61
N GLU A 142 10.26 -20.14 6.45
CA GLU A 142 8.94 -20.17 7.08
C GLU A 142 9.02 -20.31 8.59
N ALA A 143 10.03 -21.02 9.09
CA ALA A 143 10.17 -21.25 10.52
C ALA A 143 10.18 -19.94 11.29
N PHE A 144 10.85 -18.94 10.72
CA PHE A 144 10.91 -17.62 11.32
C PHE A 144 9.73 -16.77 10.86
N SER A 145 9.42 -16.85 9.58
CA SER A 145 8.37 -16.01 9.02
C SER A 145 7.02 -16.21 9.73
N ARG A 146 6.72 -17.45 10.09
CA ARG A 146 5.43 -17.76 10.70
C ARG A 146 5.31 -17.19 12.09
N VAL A 147 6.45 -16.93 12.72
CA VAL A 147 6.48 -16.37 14.06
C VAL A 147 5.80 -15.00 14.12
N TYR A 148 6.04 -14.17 13.11
CA TYR A 148 5.43 -12.84 13.11
C TYR A 148 3.92 -12.92 13.19
N GLY A 149 3.32 -13.76 12.36
CA GLY A 149 1.88 -13.95 12.38
C GLY A 149 1.39 -14.52 13.70
N ALA A 150 2.20 -15.37 14.30
CA ALA A 150 1.87 -15.97 15.59
C ALA A 150 1.80 -14.90 16.68
N VAL A 151 2.83 -14.05 16.74
CA VAL A 151 2.87 -12.96 17.72
C VAL A 151 1.71 -11.97 17.54
N ALA A 152 1.45 -11.59 16.29
CA ALA A 152 0.33 -10.71 16.00
C ALA A 152 -0.98 -11.32 16.48
N ALA A 153 -1.14 -12.62 16.28
CA ALA A 153 -2.32 -13.34 16.74
C ALA A 153 -2.42 -13.26 18.25
N GLN A 154 -1.34 -13.64 18.92
CA GLN A 154 -1.31 -13.75 20.36
C GLN A 154 -1.51 -12.42 21.08
N GLU A 155 -0.86 -11.38 20.57
CA GLU A 155 -0.87 -10.08 21.24
C GLU A 155 -1.82 -9.07 20.60
N LYS A 156 -2.60 -9.51 19.62
CA LYS A 156 -3.53 -8.64 18.90
C LYS A 156 -2.85 -7.41 18.31
N THR A 157 -1.76 -7.60 17.58
CA THR A 157 -1.08 -6.46 16.98
C THR A 157 -1.46 -6.33 15.51
N ALA A 158 -1.11 -5.21 14.90
CA ALA A 158 -1.18 -5.12 13.45
C ALA A 158 0.07 -5.77 12.89
N LEU A 159 0.05 -6.10 11.61
CA LEU A 159 1.13 -6.85 11.01
C LEU A 159 1.26 -6.61 9.50
N VAL A 160 2.50 -6.36 9.08
CA VAL A 160 2.86 -6.39 7.67
C VAL A 160 3.70 -7.65 7.45
N PRO A 161 3.05 -8.75 7.04
CA PRO A 161 3.76 -10.05 7.00
C PRO A 161 4.96 -10.04 6.08
N PHE A 162 4.90 -9.27 5.00
CA PHE A 162 5.95 -9.27 3.98
C PHE A 162 6.52 -7.87 3.76
N PHE A 163 7.19 -7.36 4.78
CA PHE A 163 7.75 -6.00 4.76
C PHE A 163 8.66 -5.81 3.56
N LEU A 164 9.35 -6.87 3.14
CA LEU A 164 10.31 -6.71 2.06
C LEU A 164 9.71 -7.14 0.72
N GLU A 165 8.39 -7.10 0.63
CA GLU A 165 7.75 -7.44 -0.64
C GLU A 165 8.27 -6.56 -1.77
N GLY A 166 8.68 -7.19 -2.88
CA GLY A 166 9.16 -6.45 -4.03
C GLY A 166 10.54 -5.85 -3.84
N VAL A 167 11.17 -6.14 -2.70
CA VAL A 167 12.53 -5.69 -2.45
C VAL A 167 13.48 -6.87 -2.34
N GLY A 168 13.17 -7.79 -1.43
CA GLY A 168 13.99 -8.97 -1.20
C GLY A 168 14.20 -9.80 -2.45
N GLY A 169 15.44 -10.16 -2.71
CA GLY A 169 15.80 -11.00 -3.84
C GLY A 169 15.83 -10.27 -5.17
N VAL A 170 15.25 -9.06 -5.21
CA VAL A 170 15.20 -8.31 -6.44
C VAL A 170 16.53 -7.60 -6.72
N GLN A 171 16.91 -7.57 -8.00
CA GLN A 171 18.10 -6.83 -8.41
C GLN A 171 17.78 -5.35 -8.48
N GLY A 172 18.72 -4.52 -8.05
CA GLY A 172 18.51 -3.09 -7.98
C GLY A 172 17.98 -2.66 -6.63
N MET A 173 17.17 -3.51 -6.01
CA MET A 173 16.51 -3.17 -4.76
C MET A 173 17.35 -3.53 -3.53
N MET A 174 18.14 -4.60 -3.67
CA MET A 174 19.04 -5.07 -2.63
C MET A 174 20.46 -4.57 -2.85
N GLN A 175 21.18 -4.29 -1.78
CA GLN A 175 22.62 -4.08 -1.90
C GLN A 175 23.23 -5.46 -2.19
N ALA A 176 24.51 -5.46 -2.55
CA ALA A 176 25.20 -6.68 -3.00
C ALA A 176 25.14 -7.88 -2.02
N ASP A 177 25.07 -7.61 -0.73
CA ASP A 177 25.05 -8.68 0.29
C ASP A 177 23.67 -9.34 0.35
N GLY A 178 22.73 -8.80 -0.42
CA GLY A 178 21.42 -9.40 -0.57
C GLY A 178 20.57 -9.43 0.69
N ILE A 179 20.93 -8.61 1.68
CA ILE A 179 20.17 -8.53 2.92
C ILE A 179 19.69 -7.11 3.18
N HIS A 180 20.57 -6.14 2.93
CA HIS A 180 20.30 -4.74 3.29
C HIS A 180 19.81 -3.98 2.08
N PRO A 181 18.53 -3.55 2.09
CA PRO A 181 18.00 -2.87 0.92
C PRO A 181 18.83 -1.65 0.51
N ALA A 182 18.93 -1.43 -0.80
CA ALA A 182 19.64 -0.29 -1.32
C ALA A 182 18.74 0.94 -1.27
N LEU A 183 19.27 2.07 -1.71
CA LEU A 183 18.53 3.33 -1.76
C LEU A 183 17.23 3.22 -2.57
N ALA A 184 17.30 2.55 -3.71
CA ALA A 184 16.17 2.46 -4.63
C ALA A 184 14.96 1.78 -4.01
N ALA A 185 15.18 1.04 -2.93
CA ALA A 185 14.13 0.25 -2.29
C ALA A 185 13.33 1.04 -1.27
N GLN A 186 13.87 2.18 -0.83
CA GLN A 186 13.29 2.88 0.33
C GLN A 186 11.84 3.31 0.14
N PRO A 187 11.51 3.86 -1.05
CA PRO A 187 10.10 4.13 -1.35
C PRO A 187 9.22 2.89 -1.18
N ARG A 188 9.67 1.76 -1.71
CA ARG A 188 8.87 0.53 -1.65
C ARG A 188 8.69 0.04 -0.21
N LEU A 189 9.76 0.04 0.57
CA LEU A 189 9.62 -0.21 2.01
C LEU A 189 8.49 0.64 2.60
N LEU A 190 8.49 1.94 2.32
CA LEU A 190 7.43 2.82 2.85
C LEU A 190 6.06 2.44 2.31
N GLU A 191 5.98 2.16 1.02
CA GLU A 191 4.75 1.64 0.42
C GLU A 191 4.25 0.42 1.18
N ASN A 192 5.16 -0.46 1.60
CA ASN A 192 4.73 -1.69 2.23
C ASN A 192 4.17 -1.53 3.63
N VAL A 193 4.52 -0.42 4.29
CA VAL A 193 4.06 -0.19 5.66
C VAL A 193 2.82 0.68 5.67
N TRP A 194 2.80 1.72 4.84
CA TRP A 194 1.79 2.78 4.93
C TRP A 194 0.35 2.27 5.03
N PRO A 195 -0.07 1.39 4.12
CA PRO A 195 -1.45 0.89 4.11
C PRO A 195 -1.87 0.28 5.44
N THR A 196 -0.96 -0.44 6.08
CA THR A 196 -1.28 -1.14 7.32
C THR A 196 -1.15 -0.17 8.50
N LEU A 197 -0.30 0.84 8.34
CA LEU A 197 -0.11 1.88 9.37
C LEU A 197 -1.24 2.90 9.38
N LYS A 198 -1.61 3.36 8.20
CA LYS A 198 -2.57 4.46 8.04
C LYS A 198 -3.79 4.37 8.96
N PRO A 199 -4.47 3.21 9.01
CA PRO A 199 -5.68 3.07 9.82
C PRO A 199 -5.41 3.25 11.31
N LEU A 200 -4.15 3.08 11.71
CA LEU A 200 -3.77 3.24 13.11
C LEU A 200 -3.63 4.70 13.51
N LEU A 201 -3.51 5.58 12.51
CA LEU A 201 -3.29 7.01 12.74
C LEU A 201 -4.60 7.75 12.91
N GLN B 22 -7.61 -15.30 -15.64
CA GLN B 22 -6.40 -14.60 -15.23
C GLN B 22 -6.28 -13.30 -15.99
N THR B 23 -7.39 -12.78 -16.51
CA THR B 23 -7.34 -11.47 -17.14
C THR B 23 -7.75 -10.42 -16.14
N LEU B 24 -6.93 -9.39 -16.03
CA LEU B 24 -7.23 -8.24 -15.18
C LEU B 24 -7.60 -7.06 -16.09
N LEU B 25 -8.87 -6.68 -16.05
CA LEU B 25 -9.36 -5.67 -16.98
C LEU B 25 -9.51 -4.33 -16.26
N VAL B 26 -8.91 -3.28 -16.82
CA VAL B 26 -9.06 -1.93 -16.26
C VAL B 26 -9.98 -1.11 -17.14
N VAL B 27 -11.03 -0.57 -16.52
CA VAL B 27 -12.01 0.27 -17.20
C VAL B 27 -11.97 1.65 -16.58
N GLY B 28 -11.10 2.51 -17.13
CA GLY B 28 -10.93 3.85 -16.59
C GLY B 28 -11.05 4.96 -17.62
N ASP B 29 -10.74 6.17 -17.18
CA ASP B 29 -10.75 7.35 -18.05
C ASP B 29 -9.33 7.78 -18.36
N SER B 30 -9.16 9.08 -18.60
CA SER B 30 -7.86 9.68 -18.88
C SER B 30 -6.78 9.31 -17.86
N ILE B 31 -7.17 9.21 -16.59
CA ILE B 31 -6.17 8.98 -15.56
C ILE B 31 -5.48 7.64 -15.75
N SER B 32 -6.24 6.59 -16.05
CA SER B 32 -5.67 5.27 -16.31
C SER B 32 -5.27 5.08 -17.77
N ALA B 33 -5.67 6.02 -18.63
CA ALA B 33 -5.27 5.95 -20.05
C ALA B 33 -3.93 6.67 -20.26
N ALA B 34 -3.49 7.36 -19.23
CA ALA B 34 -2.17 8.02 -19.20
C ALA B 34 -2.13 9.23 -20.11
N LEU B 35 -3.21 10.02 -20.09
CA LEU B 35 -3.31 11.23 -20.90
C LEU B 35 -2.11 12.14 -20.61
N GLY B 36 -1.43 12.60 -21.67
CA GLY B 36 -0.33 13.54 -21.54
C GLY B 36 1.04 12.91 -21.33
N LEU B 37 1.12 11.58 -21.42
CA LEU B 37 2.39 10.91 -21.23
C LEU B 37 2.53 9.65 -22.07
N ASP B 38 3.73 9.07 -22.04
CA ASP B 38 4.03 7.80 -22.68
C ASP B 38 3.24 6.74 -21.93
N THR B 39 2.37 6.00 -22.62
CA THR B 39 1.52 5.03 -21.94
C THR B 39 2.30 3.87 -21.30
N SER B 40 3.52 3.66 -21.76
CA SER B 40 4.35 2.56 -21.23
C SER B 40 4.88 2.86 -19.83
N GLN B 41 4.80 4.12 -19.43
CA GLN B 41 5.23 4.57 -18.11
C GLN B 41 4.03 4.79 -17.21
N GLY B 42 2.84 4.60 -17.77
CA GLY B 42 1.60 4.87 -17.05
C GLY B 42 1.36 3.80 -16.00
N TRP B 43 0.54 4.12 -14.99
CA TRP B 43 0.37 3.23 -13.84
C TRP B 43 -0.10 1.81 -14.18
N VAL B 44 -0.86 1.65 -15.26
CA VAL B 44 -1.35 0.31 -15.62
C VAL B 44 -0.21 -0.55 -16.16
N ALA B 45 0.67 0.05 -16.95
CA ALA B 45 1.83 -0.66 -17.45
C ALA B 45 2.75 -1.01 -16.31
N LEU B 46 2.77 -0.16 -15.29
CA LEU B 46 3.54 -0.41 -14.09
C LEU B 46 2.94 -1.55 -13.28
N LEU B 47 1.61 -1.67 -13.30
CA LEU B 47 0.94 -2.77 -12.60
C LEU B 47 1.34 -4.10 -13.23
N GLN B 48 1.31 -4.14 -14.56
CA GLN B 48 1.66 -5.35 -15.29
C GLN B 48 3.09 -5.79 -14.97
N LYS B 49 4.03 -4.86 -14.99
CA LYS B 49 5.40 -5.21 -14.64
C LYS B 49 5.49 -5.76 -13.22
N ARG B 50 4.81 -5.13 -12.27
CA ARG B 50 4.86 -5.63 -10.88
C ARG B 50 4.30 -7.05 -10.74
N LEU B 51 3.18 -7.31 -11.40
CA LEU B 51 2.56 -8.63 -11.40
C LEU B 51 3.54 -9.67 -11.92
N ALA B 52 4.17 -9.40 -13.06
CA ALA B 52 5.18 -10.28 -13.61
C ALA B 52 6.31 -10.48 -12.60
N ASP B 53 6.86 -9.37 -12.11
CA ASP B 53 7.97 -9.40 -11.18
C ASP B 53 7.66 -10.24 -9.95
N GLU B 54 6.50 -10.04 -9.35
CA GLU B 54 6.14 -10.74 -8.14
C GLU B 54 5.55 -12.11 -8.40
N GLY B 55 5.73 -12.62 -9.62
CA GLY B 55 5.41 -14.00 -9.89
C GLY B 55 3.94 -14.30 -10.07
N TYR B 56 3.15 -13.26 -10.30
CA TYR B 56 1.74 -13.45 -10.64
C TYR B 56 1.54 -13.73 -12.12
N ASP B 57 0.48 -14.45 -12.45
CA ASP B 57 0.15 -14.78 -13.84
C ASP B 57 -1.17 -14.12 -14.25
N TYR B 58 -1.15 -12.82 -14.49
CA TYR B 58 -2.32 -12.08 -14.96
C TYR B 58 -2.02 -11.34 -16.24
N ARG B 59 -2.96 -11.42 -17.19
CA ARG B 59 -2.90 -10.62 -18.40
C ARG B 59 -3.64 -9.34 -18.05
N VAL B 60 -2.93 -8.22 -18.15
CA VAL B 60 -3.57 -6.93 -17.90
C VAL B 60 -4.12 -6.37 -19.20
N VAL B 61 -5.43 -6.14 -19.22
CA VAL B 61 -6.07 -5.52 -20.37
C VAL B 61 -6.59 -4.14 -19.97
N ASN B 62 -5.90 -3.08 -20.42
CA ASN B 62 -6.33 -1.70 -20.21
C ASN B 62 -7.32 -1.29 -21.30
N ALA B 63 -8.53 -0.92 -20.89
CA ALA B 63 -9.55 -0.44 -21.83
C ALA B 63 -9.93 1.00 -21.53
N SER B 64 -9.02 1.74 -20.89
CA SER B 64 -9.31 3.11 -20.48
C SER B 64 -9.31 4.10 -21.63
N ILE B 65 -10.25 5.04 -21.59
CA ILE B 65 -10.42 6.01 -22.66
C ILE B 65 -10.69 7.41 -22.10
N SER B 66 -9.90 8.40 -22.51
CA SER B 66 -10.10 9.75 -22.03
C SER B 66 -11.50 10.24 -22.38
N GLY B 67 -12.09 11.02 -21.49
CA GLY B 67 -13.46 11.49 -21.68
C GLY B 67 -14.54 10.52 -21.24
N ASP B 68 -14.16 9.33 -20.79
CA ASP B 68 -15.14 8.32 -20.41
C ASP B 68 -15.81 8.67 -19.10
N THR B 69 -17.05 8.22 -18.93
CA THR B 69 -17.85 8.56 -17.76
C THR B 69 -18.49 7.31 -17.19
N SER B 70 -19.21 7.45 -16.07
CA SER B 70 -19.84 6.27 -15.50
C SER B 70 -20.87 5.70 -16.43
N ALA B 71 -21.62 6.58 -17.10
CA ALA B 71 -22.60 6.12 -18.08
C ALA B 71 -21.93 5.47 -19.29
N GLY B 72 -20.85 6.07 -19.76
CA GLY B 72 -20.13 5.52 -20.90
C GLY B 72 -19.47 4.19 -20.56
N GLY B 73 -18.96 4.08 -19.35
CA GLY B 73 -18.31 2.86 -18.91
C GLY B 73 -19.32 1.73 -18.79
N LEU B 74 -20.50 2.07 -18.25
CA LEU B 74 -21.57 1.10 -18.11
C LEU B 74 -22.00 0.60 -19.48
N ALA B 75 -22.11 1.52 -20.43
CA ALA B 75 -22.56 1.22 -21.80
C ALA B 75 -21.64 0.25 -22.53
N ARG B 76 -20.32 0.40 -22.34
CA ARG B 76 -19.33 -0.36 -23.08
C ARG B 76 -18.79 -1.58 -22.33
N LEU B 77 -19.10 -1.67 -21.03
CA LEU B 77 -18.61 -2.80 -20.23
C LEU B 77 -19.05 -4.20 -20.70
N PRO B 78 -20.34 -4.39 -21.04
CA PRO B 78 -20.83 -5.72 -21.45
C PRO B 78 -19.99 -6.36 -22.54
N ALA B 79 -19.64 -5.57 -23.56
CA ALA B 79 -18.84 -6.03 -24.68
C ALA B 79 -17.42 -6.41 -24.26
N LEU B 80 -16.87 -5.67 -23.29
CA LEU B 80 -15.56 -5.96 -22.71
C LEU B 80 -15.62 -7.23 -21.86
N LEU B 81 -16.69 -7.38 -21.08
CA LEU B 81 -16.82 -8.56 -20.22
C LEU B 81 -16.91 -9.83 -21.06
N ALA B 82 -17.70 -9.79 -22.13
CA ALA B 82 -17.88 -10.99 -22.96
C ALA B 82 -16.61 -11.36 -23.72
N GLU B 83 -15.95 -10.34 -24.26
CA GLU B 83 -14.74 -10.56 -25.04
C GLU B 83 -13.58 -11.09 -24.19
N GLU B 84 -13.35 -10.47 -23.03
CA GLU B 84 -12.17 -10.73 -22.21
C GLU B 84 -12.37 -11.75 -21.10
N LYS B 85 -13.62 -11.95 -20.67
CA LYS B 85 -13.96 -12.85 -19.57
C LYS B 85 -12.99 -12.69 -18.40
N PRO B 86 -12.93 -11.47 -17.83
CA PRO B 86 -11.92 -11.16 -16.80
C PRO B 86 -12.18 -11.88 -15.48
N ALA B 87 -11.10 -12.15 -14.74
CA ALA B 87 -11.21 -12.69 -13.39
C ALA B 87 -11.34 -11.52 -12.41
N LEU B 88 -10.82 -10.37 -12.81
CA LEU B 88 -10.83 -9.15 -12.00
C LEU B 88 -11.06 -7.95 -12.89
N VAL B 89 -11.87 -7.04 -12.41
CA VAL B 89 -12.18 -5.80 -13.12
C VAL B 89 -11.89 -4.64 -12.17
N VAL B 90 -10.95 -3.77 -12.56
CA VAL B 90 -10.73 -2.50 -11.87
C VAL B 90 -11.47 -1.34 -12.57
N ILE B 91 -12.34 -0.66 -11.82
CA ILE B 91 -13.18 0.41 -12.39
C ILE B 91 -12.73 1.78 -11.88
N GLU B 92 -12.31 2.64 -12.80
CA GLU B 92 -11.81 3.95 -12.46
C GLU B 92 -12.62 5.00 -13.25
N LEU B 93 -13.89 5.16 -12.89
CA LEU B 93 -14.76 6.11 -13.57
C LEU B 93 -15.51 6.99 -12.57
N GLY B 94 -16.00 8.14 -13.02
CA GLY B 94 -16.65 9.08 -12.12
C GLY B 94 -15.97 10.43 -11.97
N GLY B 95 -14.68 10.48 -12.26
CA GLY B 95 -13.94 11.72 -12.10
C GLY B 95 -14.48 12.79 -13.01
N ASN B 96 -14.81 12.37 -14.23
CA ASN B 96 -15.42 13.24 -15.22
C ASN B 96 -16.83 13.63 -14.83
N ASP B 97 -17.60 12.68 -14.32
CA ASP B 97 -18.93 12.98 -13.81
C ASP B 97 -18.84 14.12 -12.79
N GLY B 98 -17.89 14.01 -11.89
CA GLY B 98 -17.71 14.99 -10.84
C GLY B 98 -17.18 16.33 -11.34
N LEU B 99 -16.13 16.28 -12.16
CA LEU B 99 -15.50 17.51 -12.64
C LEU B 99 -16.47 18.38 -13.44
N ARG B 100 -17.39 17.71 -14.15
CA ARG B 100 -18.40 18.35 -14.97
C ARG B 100 -19.63 18.75 -14.18
N GLY B 101 -19.67 18.41 -12.89
CA GLY B 101 -20.81 18.73 -12.05
C GLY B 101 -22.05 17.91 -12.35
N MET B 102 -21.87 16.67 -12.77
CA MET B 102 -23.01 15.80 -13.01
C MET B 102 -23.65 15.33 -11.71
N ALA B 103 -24.78 14.63 -11.81
CA ALA B 103 -25.52 14.15 -10.64
C ALA B 103 -24.86 12.96 -9.97
N PRO B 104 -24.74 13.00 -8.63
CA PRO B 104 -24.24 11.84 -7.87
C PRO B 104 -25.18 10.63 -7.95
N ALA B 105 -26.49 10.86 -7.92
CA ALA B 105 -27.45 9.75 -8.02
C ALA B 105 -27.15 8.85 -9.21
N GLN B 106 -27.08 9.45 -10.40
CA GLN B 106 -26.79 8.70 -11.63
C GLN B 106 -25.42 7.99 -11.58
N LEU B 107 -24.41 8.65 -11.02
CA LEU B 107 -23.08 8.05 -10.89
C LEU B 107 -23.17 6.75 -10.12
N GLN B 108 -23.86 6.81 -8.99
CA GLN B 108 -24.00 5.66 -8.12
C GLN B 108 -24.71 4.49 -8.83
N GLN B 109 -25.83 4.80 -9.47
CA GLN B 109 -26.56 3.80 -10.25
C GLN B 109 -25.65 3.14 -11.29
N ASN B 110 -24.89 3.96 -12.02
CA ASN B 110 -24.04 3.47 -13.10
C ASN B 110 -22.86 2.63 -12.60
N LEU B 111 -22.19 3.08 -11.55
CA LEU B 111 -21.07 2.30 -11.00
C LEU B 111 -21.57 1.00 -10.40
N ALA B 112 -22.72 1.07 -9.71
CA ALA B 112 -23.29 -0.12 -9.10
C ALA B 112 -23.68 -1.15 -10.16
N SER B 113 -24.21 -0.69 -11.28
CA SER B 113 -24.58 -1.59 -12.38
C SER B 113 -23.35 -2.19 -13.03
N MET B 114 -22.30 -1.38 -13.20
CA MET B 114 -21.04 -1.89 -13.71
C MET B 114 -20.56 -2.99 -12.78
N ALA B 115 -20.58 -2.71 -11.48
CA ALA B 115 -20.15 -3.68 -10.49
C ALA B 115 -20.98 -4.96 -10.57
N GLN B 116 -22.29 -4.82 -10.65
CA GLN B 116 -23.19 -5.97 -10.75
C GLN B 116 -22.89 -6.84 -11.97
N LYS B 117 -22.63 -6.19 -13.10
CA LYS B 117 -22.43 -6.93 -14.35
C LYS B 117 -21.10 -7.66 -14.34
N ALA B 118 -20.08 -7.02 -13.75
CA ALA B 118 -18.77 -7.66 -13.66
C ALA B 118 -18.80 -8.90 -12.77
N ARG B 119 -19.50 -8.80 -11.66
CA ARG B 119 -19.66 -9.91 -10.72
C ARG B 119 -20.44 -11.04 -11.37
N ALA B 120 -21.45 -10.67 -12.16
CA ALA B 120 -22.26 -11.63 -12.87
C ALA B 120 -21.42 -12.42 -13.87
N GLU B 121 -20.37 -11.79 -14.40
CA GLU B 121 -19.48 -12.46 -15.35
C GLU B 121 -18.49 -13.37 -14.63
N GLY B 122 -18.27 -13.11 -13.34
CA GLY B 122 -17.41 -13.98 -12.54
C GLY B 122 -16.18 -13.27 -12.00
N ALA B 123 -16.14 -11.96 -12.16
CA ALA B 123 -14.98 -11.17 -11.77
C ALA B 123 -15.14 -10.60 -10.37
N LYS B 124 -14.02 -10.50 -9.63
CA LYS B 124 -13.97 -9.70 -8.41
C LYS B 124 -13.86 -8.26 -8.86
N VAL B 125 -14.43 -7.33 -8.11
CA VAL B 125 -14.45 -5.93 -8.55
C VAL B 125 -13.63 -5.04 -7.62
N LEU B 126 -12.83 -4.15 -8.22
CA LEU B 126 -12.12 -3.11 -7.49
C LEU B 126 -12.43 -1.71 -8.03
N LEU B 127 -13.13 -0.91 -7.25
CA LEU B 127 -13.41 0.50 -7.57
C LEU B 127 -12.32 1.44 -7.09
N LEU B 128 -11.83 2.31 -7.97
CA LEU B 128 -10.92 3.37 -7.55
C LEU B 128 -11.68 4.69 -7.56
N GLY B 129 -11.74 5.35 -6.40
CA GLY B 129 -12.40 6.64 -6.30
C GLY B 129 -11.39 7.76 -6.21
N ILE B 130 -11.76 8.92 -6.72
CA ILE B 130 -10.88 10.08 -6.62
C ILE B 130 -11.65 11.23 -5.94
N GLN B 131 -11.03 11.85 -4.96
CA GLN B 131 -11.69 12.98 -4.32
C GLN B 131 -11.59 14.18 -5.24
N LEU B 132 -12.71 14.88 -5.39
CA LEU B 132 -12.73 16.11 -6.17
C LEU B 132 -11.75 17.12 -5.58
N PRO B 133 -11.21 18.03 -6.42
CA PRO B 133 -10.27 19.03 -5.92
C PRO B 133 -10.91 19.89 -4.82
N PRO B 134 -10.07 20.45 -3.93
CA PRO B 134 -10.56 21.20 -2.76
C PRO B 134 -11.45 22.36 -3.17
N ASN B 135 -11.04 23.08 -4.21
CA ASN B 135 -11.78 24.25 -4.66
C ASN B 135 -13.21 23.93 -5.10
N TYR B 136 -13.57 22.64 -5.08
CA TYR B 136 -14.95 22.22 -5.30
C TYR B 136 -15.75 22.33 -4.01
N GLY B 137 -15.06 22.67 -2.93
CA GLY B 137 -15.69 22.66 -1.63
C GLY B 137 -15.80 21.25 -1.10
N PRO B 138 -15.52 21.07 0.20
CA PRO B 138 -15.62 19.78 0.89
C PRO B 138 -16.97 19.07 0.74
N ARG B 139 -18.05 19.85 0.64
CA ARG B 139 -19.39 19.27 0.62
C ARG B 139 -19.79 18.52 -0.67
N TYR B 140 -19.40 19.03 -1.83
CA TYR B 140 -19.72 18.35 -3.08
C TYR B 140 -18.82 17.13 -3.15
N ILE B 141 -17.58 17.34 -2.74
CA ILE B 141 -16.62 16.26 -2.63
C ILE B 141 -17.22 15.10 -1.84
N GLU B 142 -17.80 15.39 -0.68
CA GLU B 142 -18.40 14.36 0.17
C GLU B 142 -19.55 13.64 -0.53
N ALA B 143 -20.35 14.39 -1.29
CA ALA B 143 -21.45 13.81 -2.04
C ALA B 143 -20.96 12.69 -2.98
N PHE B 144 -19.99 13.01 -3.84
CA PHE B 144 -19.42 12.02 -4.74
C PHE B 144 -18.63 10.93 -3.99
N SER B 145 -17.91 11.31 -2.94
CA SER B 145 -17.12 10.35 -2.18
C SER B 145 -17.97 9.29 -1.49
N ARG B 146 -19.11 9.69 -0.94
CA ARG B 146 -20.06 8.75 -0.37
C ARG B 146 -20.57 7.75 -1.42
N VAL B 147 -20.60 8.17 -2.68
CA VAL B 147 -21.10 7.31 -3.75
C VAL B 147 -20.25 6.04 -3.88
N TYR B 148 -18.92 6.21 -3.94
CA TYR B 148 -18.03 5.07 -4.08
C TYR B 148 -18.16 4.10 -2.91
N GLY B 149 -18.28 4.62 -1.69
CA GLY B 149 -18.43 3.77 -0.52
C GLY B 149 -19.76 3.04 -0.50
N ALA B 150 -20.82 3.74 -0.89
CA ALA B 150 -22.14 3.14 -0.97
C ALA B 150 -22.21 2.02 -2.02
N VAL B 151 -21.55 2.23 -3.17
CA VAL B 151 -21.51 1.19 -4.21
C VAL B 151 -20.78 -0.04 -3.72
N ALA B 152 -19.57 0.15 -3.22
CA ALA B 152 -18.76 -0.96 -2.73
C ALA B 152 -19.50 -1.76 -1.67
N ALA B 153 -20.18 -1.08 -0.76
CA ALA B 153 -20.94 -1.75 0.30
C ALA B 153 -22.13 -2.51 -0.26
N GLN B 154 -22.80 -1.90 -1.24
CA GLN B 154 -23.97 -2.50 -1.88
C GLN B 154 -23.65 -3.68 -2.80
N GLU B 155 -22.63 -3.53 -3.64
CA GLU B 155 -22.28 -4.55 -4.63
C GLU B 155 -21.11 -5.40 -4.17
N LYS B 156 -20.70 -5.23 -2.92
CA LYS B 156 -19.65 -6.04 -2.30
C LYS B 156 -18.33 -6.00 -3.06
N THR B 157 -17.87 -4.80 -3.39
CA THR B 157 -16.61 -4.65 -4.12
C THR B 157 -15.50 -4.18 -3.19
N ALA B 158 -14.26 -4.36 -3.62
CA ALA B 158 -13.15 -3.72 -2.96
C ALA B 158 -13.16 -2.23 -3.33
N LEU B 159 -12.48 -1.41 -2.53
CA LEU B 159 -12.48 0.02 -2.78
C LEU B 159 -11.21 0.71 -2.34
N VAL B 160 -10.62 1.49 -3.24
CA VAL B 160 -9.56 2.43 -2.91
C VAL B 160 -10.17 3.83 -2.90
N PRO B 161 -10.51 4.33 -1.72
CA PRO B 161 -11.23 5.62 -1.62
C PRO B 161 -10.41 6.83 -2.06
N PHE B 162 -9.09 6.76 -1.96
CA PHE B 162 -8.23 7.90 -2.30
C PHE B 162 -7.16 7.55 -3.33
N PHE B 163 -7.60 7.25 -4.55
CA PHE B 163 -6.69 6.85 -5.62
C PHE B 163 -5.59 7.88 -5.85
N LEU B 164 -5.91 9.16 -5.69
CA LEU B 164 -4.92 10.21 -5.95
C LEU B 164 -4.28 10.74 -4.68
N GLU B 165 -4.41 10.01 -3.57
CA GLU B 165 -3.66 10.36 -2.36
C GLU B 165 -2.22 10.68 -2.73
N GLY B 166 -1.74 11.86 -2.35
CA GLY B 166 -0.36 12.23 -2.59
C GLY B 166 0.00 12.63 -4.02
N VAL B 167 -1.01 12.66 -4.88
CA VAL B 167 -0.83 13.10 -6.25
C VAL B 167 -1.67 14.37 -6.44
N GLY B 168 -2.96 14.27 -6.13
CA GLY B 168 -3.87 15.39 -6.29
C GLY B 168 -3.44 16.58 -5.46
N GLY B 169 -3.33 17.74 -6.09
CA GLY B 169 -2.91 18.96 -5.42
C GLY B 169 -1.44 19.06 -5.07
N VAL B 170 -0.65 18.05 -5.43
CA VAL B 170 0.77 18.01 -5.08
C VAL B 170 1.68 18.54 -6.19
N GLN B 171 2.36 19.64 -5.92
CA GLN B 171 3.26 20.25 -6.91
C GLN B 171 4.27 19.23 -7.48
N GLY B 172 4.36 19.18 -8.80
CA GLY B 172 5.25 18.24 -9.47
C GLY B 172 4.58 16.93 -9.85
N MET B 173 3.46 16.64 -9.20
CA MET B 173 2.72 15.39 -9.42
C MET B 173 1.60 15.56 -10.46
N MET B 174 1.26 16.82 -10.75
CA MET B 174 0.18 17.15 -11.69
C MET B 174 0.71 17.89 -12.90
N GLN B 175 0.11 17.67 -14.06
CA GLN B 175 0.41 18.48 -15.23
C GLN B 175 -0.15 19.88 -14.98
N ALA B 176 0.11 20.81 -15.90
CA ALA B 176 -0.22 22.21 -15.66
C ALA B 176 -1.72 22.44 -15.45
N ASP B 177 -2.56 21.59 -16.04
CA ASP B 177 -4.02 21.78 -15.96
C ASP B 177 -4.56 21.35 -14.61
N GLY B 178 -3.69 20.81 -13.78
CA GLY B 178 -4.01 20.51 -12.39
C GLY B 178 -4.95 19.36 -12.14
N ILE B 179 -5.26 18.60 -13.20
CA ILE B 179 -6.21 17.48 -13.11
C ILE B 179 -5.61 16.13 -13.52
N HIS B 180 -4.77 16.14 -14.56
CA HIS B 180 -4.20 14.91 -15.06
C HIS B 180 -2.81 14.68 -14.49
N PRO B 181 -2.63 13.58 -13.74
CA PRO B 181 -1.34 13.32 -13.12
C PRO B 181 -0.18 13.32 -14.13
N ALA B 182 1.00 13.73 -13.65
CA ALA B 182 2.17 13.85 -14.51
C ALA B 182 2.89 12.50 -14.53
N LEU B 183 4.00 12.41 -15.27
CA LEU B 183 4.77 11.19 -15.35
C LEU B 183 5.25 10.81 -13.96
N ALA B 184 5.60 11.82 -13.17
CA ALA B 184 6.23 11.61 -11.88
C ALA B 184 5.29 10.94 -10.89
N ALA B 185 3.98 10.99 -11.17
CA ALA B 185 2.99 10.48 -10.24
C ALA B 185 2.67 9.00 -10.44
N GLN B 186 3.09 8.42 -11.56
CA GLN B 186 2.64 7.08 -11.93
C GLN B 186 2.99 5.99 -10.89
N PRO B 187 4.25 5.97 -10.41
CA PRO B 187 4.61 5.01 -9.36
C PRO B 187 3.68 5.12 -8.17
N ARG B 188 3.35 6.34 -7.77
CA ARG B 188 2.46 6.54 -6.63
C ARG B 188 1.04 6.01 -6.88
N LEU B 189 0.46 6.36 -8.02
CA LEU B 189 -0.82 5.77 -8.43
C LEU B 189 -0.86 4.26 -8.21
N LEU B 190 0.18 3.57 -8.67
CA LEU B 190 0.26 2.13 -8.46
C LEU B 190 0.37 1.76 -7.00
N GLU B 191 1.26 2.45 -6.28
CA GLU B 191 1.36 2.26 -4.84
C GLU B 191 -0.02 2.32 -4.20
N ASN B 192 -0.85 3.27 -4.63
CA ASN B 192 -2.16 3.50 -4.01
C ASN B 192 -3.15 2.36 -4.24
N VAL B 193 -2.95 1.61 -5.32
CA VAL B 193 -3.85 0.53 -5.72
C VAL B 193 -3.39 -0.84 -5.20
N TRP B 194 -2.11 -1.12 -5.38
CA TRP B 194 -1.57 -2.47 -5.15
C TRP B 194 -2.01 -3.13 -3.83
N PRO B 195 -1.90 -2.42 -2.69
CA PRO B 195 -2.26 -3.08 -1.43
C PRO B 195 -3.70 -3.57 -1.35
N THR B 196 -4.62 -2.87 -2.01
CA THR B 196 -6.02 -3.27 -2.02
C THR B 196 -6.28 -4.35 -3.08
N LEU B 197 -5.51 -4.29 -4.17
CA LEU B 197 -5.57 -5.28 -5.24
C LEU B 197 -5.07 -6.65 -4.80
N LYS B 198 -3.95 -6.66 -4.08
CA LYS B 198 -3.22 -7.90 -3.81
C LYS B 198 -4.05 -9.06 -3.22
N PRO B 199 -4.89 -8.77 -2.21
CA PRO B 199 -5.67 -9.87 -1.60
C PRO B 199 -6.62 -10.55 -2.59
N LEU B 200 -6.96 -9.85 -3.67
CA LEU B 200 -7.84 -10.40 -4.70
C LEU B 200 -7.07 -11.26 -5.71
N LEU B 201 -5.75 -11.26 -5.63
CA LEU B 201 -4.93 -11.99 -6.59
C LEU B 201 -4.56 -13.37 -6.04
#